data_3SUS
#
_entry.id   3SUS
#
_cell.length_a   95.549
_cell.length_b   101.881
_cell.length_c   107.888
_cell.angle_alpha   90.00
_cell.angle_beta   90.00
_cell.angle_gamma   90.00
#
_symmetry.space_group_name_H-M   'C 2 2 21'
#
loop_
_entity.id
_entity.type
_entity.pdbx_description
1 polymer Beta-hexosaminidase
2 non-polymer 'SULFATE ION'
3 non-polymer (3aR,5R,6R,7R,7aR)-5-(hydroxymethyl)-2-methyl-5,6,7,7a-tetrahydro-3aH-pyrano[3,2-d][1,3]thiazole-6,7-diol
4 water water
#
_entity_poly.entity_id   1
_entity_poly.type   'polypeptide(L)'
_entity_poly.pdbx_seq_one_letter_code
;MGSSHHHHHHSSGLVPRGSHMASMMSFIPESASASTSQPSILPKPVSYTVGSGQFVLTKNASIFVAGNNVGETDELFNIG
QALAKKLNASTGYTISVVKSNQPTAGSIYLTTVGGNAALGNEGYDLITTSNQVTLTANKPEGVFRGNQTLLQLLPAGIEK
NTVVSGVQWVIPHSNISDKPEYEYRGLMLDVARHFFTVDEVKRQIDLASQYKINKFHMHLSDDQGWRIEIKSWPDLIEIG
SKGQVGGGPGGYYTQEQFKDIVSYAAERYIEVIPEIDMPGHTNAALASYGELNPDGKRKAMRTDTAVGYSTLMPRAEITY
QFVEDVISELAAISPSPYIHLGGDESNATSAADYDYFFGRVTAIANSYGKKVVGWDPSDTSSGATSDSVLQNWTCSASTG
TAAKAKGMKVIVSPANAYLDMKYYSDSPIGLQWRGFVNTNRAYNWDPTDCIKGANIYGVESTLWTETFVTQDHLDYMLYP
KLLSNAEVGWTARGDRNWDDFKERLIEHTPRLQNKGIKFFADPIV
;
_entity_poly.pdbx_strand_id   A
#
# COMPACT_ATOMS: atom_id res chain seq x y z
N HIS A 7 -24.71 1.89 -31.44
CA HIS A 7 -23.49 2.64 -31.00
C HIS A 7 -22.19 1.86 -31.21
N HIS A 8 -21.10 2.61 -31.38
CA HIS A 8 -19.80 2.04 -31.73
C HIS A 8 -18.84 2.12 -30.56
N HIS A 9 -18.08 1.05 -30.35
CA HIS A 9 -17.17 0.95 -29.21
C HIS A 9 -15.82 0.40 -29.66
N HIS A 10 -14.78 0.68 -28.88
CA HIS A 10 -13.45 0.11 -29.14
C HIS A 10 -12.62 -0.03 -27.86
N SER A 11 -11.59 -0.88 -27.95
CA SER A 11 -10.53 -0.97 -26.94
C SER A 11 -9.30 -0.17 -27.37
N SER A 12 -8.45 0.18 -26.41
CA SER A 12 -7.27 0.98 -26.66
C SER A 12 -6.09 0.18 -27.20
N GLY A 13 -5.46 0.71 -28.25
CA GLY A 13 -4.19 0.19 -28.72
C GLY A 13 -3.06 1.09 -28.24
N LEU A 14 -1.83 0.80 -28.65
CA LEU A 14 -0.72 1.69 -28.32
C LEU A 14 -0.87 3.04 -29.02
N VAL A 15 -0.29 4.08 -28.42
CA VAL A 15 -0.40 5.43 -28.96
C VAL A 15 0.52 5.59 -30.16
N PRO A 16 -0.02 6.09 -31.30
CA PRO A 16 0.88 6.34 -32.43
C PRO A 16 1.97 7.35 -32.02
N ARG A 17 3.20 7.00 -32.39
CA ARG A 17 4.36 7.87 -32.20
C ARG A 17 4.87 7.91 -30.75
N GLY A 18 4.39 6.98 -29.92
CA GLY A 18 4.95 6.79 -28.58
C GLY A 18 4.08 7.27 -27.43
N SER A 19 4.49 6.90 -26.22
CA SER A 19 3.78 7.30 -25.00
C SER A 19 3.64 8.83 -24.89
N HIS A 20 2.44 9.28 -24.51
CA HIS A 20 2.28 10.70 -24.13
C HIS A 20 3.06 11.06 -22.86
N MET A 21 3.41 10.06 -22.06
CA MET A 21 4.22 10.26 -20.86
C MET A 21 5.72 10.48 -21.12
N SER A 37 -5.58 25.96 -12.25
CA SER A 37 -6.08 25.97 -13.63
C SER A 37 -6.14 24.58 -14.28
N GLN A 38 -5.13 23.73 -14.04
CA GLN A 38 -5.24 22.28 -14.37
C GLN A 38 -4.88 21.31 -13.23
N PRO A 39 -5.81 21.13 -12.27
CA PRO A 39 -5.71 20.11 -11.25
C PRO A 39 -5.66 18.70 -11.85
N SER A 40 -5.03 17.79 -11.12
CA SER A 40 -4.88 16.42 -11.61
C SER A 40 -5.18 15.45 -10.49
N ILE A 41 -6.48 15.25 -10.20
CA ILE A 41 -6.88 14.41 -9.09
C ILE A 41 -6.95 12.93 -9.46
N LEU A 42 -6.21 12.14 -8.69
CA LEU A 42 -6.08 10.72 -8.91
C LEU A 42 -5.86 10.13 -7.53
N PRO A 43 -6.74 9.20 -7.12
CA PRO A 43 -7.91 8.66 -7.82
C PRO A 43 -9.01 9.70 -8.07
N LYS A 44 -9.86 9.43 -9.07
CA LYS A 44 -11.00 10.29 -9.39
C LYS A 44 -11.92 10.36 -8.16
N PRO A 45 -12.28 11.59 -7.73
CA PRO A 45 -13.15 11.74 -6.56
C PRO A 45 -14.62 11.57 -6.96
N VAL A 46 -15.49 11.40 -5.96
CA VAL A 46 -16.91 11.16 -6.21
C VAL A 46 -17.54 12.33 -6.99
N SER A 47 -17.17 13.54 -6.63
CA SER A 47 -17.64 14.73 -7.38
C SER A 47 -16.60 15.83 -7.36
N TYR A 48 -16.56 16.59 -8.47
CA TYR A 48 -15.61 17.65 -8.63
C TYR A 48 -16.25 18.64 -9.60
N THR A 49 -16.53 19.84 -9.12
CA THR A 49 -17.04 20.89 -10.00
C THR A 49 -16.14 22.10 -9.85
N VAL A 50 -16.07 22.91 -10.91
CA VAL A 50 -15.23 24.10 -10.91
C VAL A 50 -16.14 25.31 -11.14
N GLY A 51 -15.89 26.39 -10.40
CA GLY A 51 -16.66 27.62 -10.54
C GLY A 51 -15.76 28.76 -10.98
N SER A 52 -16.29 29.97 -10.98
CA SER A 52 -15.50 31.12 -11.40
C SER A 52 -14.54 31.59 -10.31
N GLY A 53 -13.35 32.01 -10.73
CA GLY A 53 -12.35 32.56 -9.82
C GLY A 53 -11.33 31.56 -9.33
N GLN A 54 -10.45 32.02 -8.44
CA GLN A 54 -9.33 31.24 -7.94
C GLN A 54 -8.81 31.74 -6.60
N PHE A 55 -8.22 30.80 -5.87
CA PHE A 55 -7.55 31.06 -4.61
C PHE A 55 -6.08 31.13 -4.96
N VAL A 56 -5.37 32.04 -4.32
CA VAL A 56 -3.94 32.13 -4.51
C VAL A 56 -3.26 31.83 -3.19
N LEU A 57 -2.36 30.85 -3.23
CA LEU A 57 -1.54 30.54 -2.07
C LEU A 57 -0.34 31.48 -2.05
N THR A 58 -0.24 32.34 -1.03
CA THR A 58 0.86 33.31 -0.94
C THR A 58 1.74 33.03 0.27
N LYS A 59 2.83 33.79 0.38
CA LYS A 59 3.81 33.57 1.45
C LYS A 59 3.26 33.84 2.85
N ASN A 60 2.15 34.56 2.91
CA ASN A 60 1.51 34.90 4.18
C ASN A 60 0.41 33.93 4.64
N ALA A 61 0.19 32.88 3.86
CA ALA A 61 -0.84 31.90 4.15
C ALA A 61 -0.51 31.14 5.43
N SER A 62 -1.54 30.86 6.22
CA SER A 62 -1.47 29.93 7.35
C SER A 62 -2.46 28.79 7.15
N ILE A 63 -2.22 27.68 7.84
CA ILE A 63 -3.13 26.58 7.90
C ILE A 63 -3.82 26.65 9.25
N PHE A 64 -5.14 26.80 9.22
CA PHE A 64 -5.93 26.82 10.46
C PHE A 64 -6.53 25.45 10.66
N VAL A 65 -6.52 24.99 11.92
CA VAL A 65 -7.10 23.68 12.24
C VAL A 65 -8.11 23.77 13.39
N ALA A 66 -9.19 23.00 13.27
CA ALA A 66 -10.24 23.01 14.29
C ALA A 66 -10.98 21.68 14.34
N GLY A 67 -10.91 21.01 15.49
CA GLY A 67 -11.62 19.74 15.68
C GLY A 67 -12.75 19.91 16.69
N ASN A 68 -13.45 18.81 17.01
CA ASN A 68 -14.59 18.93 17.91
C ASN A 68 -14.24 19.03 19.40
N ASN A 69 -12.98 18.74 19.70
CA ASN A 69 -12.46 18.90 21.05
C ASN A 69 -10.97 19.09 20.92
N VAL A 70 -10.32 19.42 22.04
CA VAL A 70 -8.90 19.77 22.00
C VAL A 70 -8.02 18.62 21.51
N GLY A 71 -8.39 17.38 21.84
CA GLY A 71 -7.62 16.20 21.40
C GLY A 71 -7.62 16.09 19.89
N GLU A 72 -8.78 16.29 19.29
CA GLU A 72 -8.94 16.16 17.85
C GLU A 72 -8.25 17.31 17.14
N THR A 73 -8.42 18.51 17.68
CA THR A 73 -7.64 19.68 17.21
C THR A 73 -6.13 19.41 17.22
N ASP A 74 -5.62 18.78 18.29
CA ASP A 74 -4.17 18.46 18.34
C ASP A 74 -3.75 17.51 17.21
N GLU A 75 -4.60 16.52 16.91
CA GLU A 75 -4.30 15.57 15.84
C GLU A 75 -4.34 16.30 14.50
N LEU A 76 -5.37 17.15 14.32
CA LEU A 76 -5.45 17.94 13.09
C LEU A 76 -4.23 18.84 12.93
N PHE A 77 -3.74 19.38 14.04
CA PHE A 77 -2.56 20.24 14.05
C PHE A 77 -1.36 19.51 13.46
N ASN A 78 -1.16 18.25 13.85
CA ASN A 78 -0.09 17.43 13.28
C ASN A 78 -0.27 17.23 11.77
N ILE A 79 -1.50 16.95 11.36
CA ILE A 79 -1.82 16.80 9.94
C ILE A 79 -1.50 18.08 9.18
N GLY A 80 -1.92 19.20 9.75
CA GLY A 80 -1.61 20.53 9.22
C GLY A 80 -0.12 20.76 9.06
N GLN A 81 0.67 20.36 10.05
CA GLN A 81 2.12 20.53 9.96
C GLN A 81 2.72 19.71 8.83
N ALA A 82 2.22 18.48 8.64
CA ALA A 82 2.65 17.61 7.52
C ALA A 82 2.36 18.30 6.18
N LEU A 83 1.15 18.83 6.05
CA LEU A 83 0.75 19.58 4.85
C LEU A 83 1.66 20.80 4.63
N ALA A 84 1.88 21.59 5.68
CA ALA A 84 2.75 22.78 5.62
C ALA A 84 4.17 22.44 5.16
N LYS A 85 4.71 21.36 5.72
CA LYS A 85 6.00 20.83 5.28
C LYS A 85 6.03 20.59 3.77
N LYS A 86 5.03 19.90 3.21
CA LYS A 86 4.98 19.62 1.77
C LYS A 86 4.89 20.92 0.96
N LEU A 87 4.03 21.84 1.40
CA LEU A 87 3.82 23.10 0.69
C LEU A 87 5.06 23.98 0.72
N ASN A 88 5.71 24.04 1.88
CA ASN A 88 6.91 24.85 2.06
C ASN A 88 8.07 24.38 1.18
N ALA A 89 8.19 23.07 0.95
CA ALA A 89 9.32 22.52 0.19
C ALA A 89 9.37 23.02 -1.26
N SER A 90 8.21 23.19 -1.87
CA SER A 90 8.13 23.64 -3.28
C SER A 90 7.87 25.15 -3.43
N THR A 91 7.16 25.75 -2.49
CA THR A 91 6.86 27.18 -2.61
C THR A 91 8.01 28.02 -2.08
N GLY A 92 8.79 27.43 -1.17
CA GLY A 92 9.81 28.17 -0.44
C GLY A 92 9.21 29.02 0.66
N TYR A 93 7.91 28.85 0.91
CA TYR A 93 7.26 29.61 1.98
C TYR A 93 7.54 28.99 3.35
N THR A 94 7.11 29.68 4.40
CA THR A 94 7.12 29.08 5.74
C THR A 94 5.71 29.18 6.31
N ILE A 95 4.82 28.46 5.68
CA ILE A 95 3.45 28.34 6.17
C ILE A 95 3.47 27.66 7.52
N SER A 96 2.85 28.30 8.51
CA SER A 96 2.71 27.69 9.82
C SER A 96 1.22 27.37 10.11
N VAL A 97 1.00 26.66 11.20
CA VAL A 97 -0.29 26.08 11.51
C VAL A 97 -0.82 26.70 12.80
N VAL A 98 -2.12 26.98 12.82
CA VAL A 98 -2.74 27.72 13.93
C VAL A 98 -3.96 26.93 14.39
N LYS A 99 -4.09 26.75 15.70
CA LYS A 99 -5.28 26.11 16.25
C LYS A 99 -6.31 27.20 16.46
N SER A 100 -7.23 27.32 15.50
CA SER A 100 -8.27 28.35 15.51
C SER A 100 -9.32 28.00 14.48
N ASN A 101 -10.58 28.28 14.80
CA ASN A 101 -11.68 28.15 13.85
C ASN A 101 -12.04 29.49 13.21
N GLN A 102 -11.10 30.44 13.26
CA GLN A 102 -11.32 31.74 12.61
C GLN A 102 -10.27 32.03 11.54
N PRO A 103 -10.28 31.23 10.46
CA PRO A 103 -9.29 31.46 9.41
C PRO A 103 -9.46 32.81 8.75
N THR A 104 -8.34 33.31 8.29
CA THR A 104 -8.18 34.63 7.77
C THR A 104 -8.18 34.49 6.24
N ALA A 105 -8.44 35.57 5.49
CA ALA A 105 -8.40 35.50 4.02
C ALA A 105 -7.01 35.00 3.54
N GLY A 106 -7.03 34.08 2.59
CA GLY A 106 -5.81 33.43 2.07
C GLY A 106 -5.37 32.19 2.85
N SER A 107 -6.19 31.75 3.82
CA SER A 107 -5.87 30.58 4.64
C SER A 107 -6.34 29.26 4.01
N ILE A 108 -5.67 28.18 4.41
CA ILE A 108 -6.22 26.85 4.30
C ILE A 108 -6.81 26.49 5.67
N TYR A 109 -8.00 25.92 5.67
CA TYR A 109 -8.73 25.60 6.89
C TYR A 109 -9.08 24.11 6.89
N LEU A 110 -8.63 23.41 7.93
CA LEU A 110 -8.86 21.98 8.06
C LEU A 110 -9.71 21.79 9.31
N THR A 111 -10.90 21.20 9.11
CA THR A 111 -11.84 21.00 10.21
C THR A 111 -12.59 19.67 10.14
N THR A 112 -12.94 19.15 11.32
CA THR A 112 -13.81 18.00 11.45
C THR A 112 -15.16 18.39 12.06
N VAL A 113 -15.38 19.70 12.26
CA VAL A 113 -16.63 20.16 12.84
C VAL A 113 -17.73 20.18 11.77
N GLY A 114 -18.73 19.31 11.92
CA GLY A 114 -19.86 19.26 11.00
C GLY A 114 -19.67 18.41 9.75
N GLY A 115 -18.70 17.49 9.80
CA GLY A 115 -18.48 16.52 8.74
C GLY A 115 -19.76 15.82 8.28
N ASN A 116 -19.84 15.55 6.99
CA ASN A 116 -20.96 14.81 6.43
C ASN A 116 -20.76 13.30 6.70
N ALA A 117 -21.52 12.76 7.66
CA ALA A 117 -21.31 11.37 8.12
C ALA A 117 -21.41 10.33 7.01
N ALA A 118 -22.16 10.65 5.95
CA ALA A 118 -22.32 9.73 4.83
C ALA A 118 -20.98 9.49 4.12
N LEU A 119 -20.00 10.38 4.34
CA LEU A 119 -18.71 10.21 3.69
C LEU A 119 -17.75 9.28 4.46
N GLY A 120 -18.16 8.85 5.65
CA GLY A 120 -17.37 7.90 6.45
C GLY A 120 -16.04 8.44 6.96
N ASN A 121 -15.22 7.54 7.51
CA ASN A 121 -13.96 7.87 8.16
C ASN A 121 -12.94 8.51 7.23
N GLU A 122 -12.92 8.09 5.97
CA GLU A 122 -11.89 8.56 5.03
C GLU A 122 -12.38 9.64 4.08
N GLY A 123 -13.67 9.96 4.15
CA GLY A 123 -14.29 10.94 3.23
C GLY A 123 -14.13 12.38 3.68
N TYR A 124 -14.42 13.29 2.76
CA TYR A 124 -14.21 14.71 3.01
C TYR A 124 -14.94 15.54 1.95
N ASP A 125 -15.21 16.79 2.28
CA ASP A 125 -15.57 17.84 1.33
C ASP A 125 -14.36 18.77 1.28
N LEU A 126 -14.09 19.31 0.08
CA LEU A 126 -12.99 20.21 -0.10
C LEU A 126 -13.48 21.32 -1.00
N ILE A 127 -13.65 22.50 -0.43
CA ILE A 127 -14.24 23.63 -1.15
C ILE A 127 -13.27 24.78 -1.14
N THR A 128 -12.94 25.24 -2.35
CA THR A 128 -11.98 26.31 -2.56
C THR A 128 -12.73 27.51 -3.09
N THR A 129 -12.61 28.61 -2.35
CA THR A 129 -13.20 29.89 -2.75
C THR A 129 -12.05 30.85 -3.04
N SER A 130 -12.35 32.07 -3.48
CA SER A 130 -11.29 33.06 -3.68
C SER A 130 -10.47 33.34 -2.41
N ASN A 131 -11.12 33.36 -1.24
CA ASN A 131 -10.46 33.74 -0.01
C ASN A 131 -9.95 32.57 0.84
N GLN A 132 -10.42 31.36 0.57
CA GLN A 132 -10.18 30.26 1.51
C GLN A 132 -10.30 28.86 0.89
N VAL A 133 -9.40 27.98 1.32
CA VAL A 133 -9.52 26.54 1.08
C VAL A 133 -10.06 25.94 2.37
N THR A 134 -11.17 25.24 2.28
CA THR A 134 -11.77 24.58 3.45
C THR A 134 -11.97 23.09 3.21
N LEU A 135 -11.31 22.28 4.04
CA LEU A 135 -11.47 20.84 3.98
C LEU A 135 -12.26 20.43 5.21
N THR A 136 -13.43 19.82 4.98
CA THR A 136 -14.32 19.42 6.06
C THR A 136 -14.48 17.91 6.05
N ALA A 137 -14.04 17.28 7.11
CA ALA A 137 -14.10 15.81 7.21
C ALA A 137 -14.81 15.33 8.49
N ASN A 138 -15.09 14.01 8.55
CA ASN A 138 -15.64 13.41 9.77
C ASN A 138 -14.59 13.10 10.80
N LYS A 139 -13.40 12.73 10.32
CA LYS A 139 -12.30 12.29 11.19
C LYS A 139 -11.00 12.85 10.66
N PRO A 140 -9.98 13.00 11.54
CA PRO A 140 -8.63 13.37 11.09
C PRO A 140 -8.16 12.56 9.88
N GLU A 141 -8.44 11.26 9.86
CA GLU A 141 -8.05 10.43 8.72
C GLU A 141 -8.55 10.99 7.40
N GLY A 142 -9.80 11.47 7.37
CA GLY A 142 -10.40 12.03 6.16
C GLY A 142 -9.76 13.35 5.78
N VAL A 143 -9.32 14.13 6.79
CA VAL A 143 -8.55 15.35 6.50
C VAL A 143 -7.24 14.99 5.80
N PHE A 144 -6.57 13.96 6.32
CA PHE A 144 -5.36 13.49 5.65
C PHE A 144 -5.62 13.06 4.18
N ARG A 145 -6.64 12.24 3.95
CA ARG A 145 -6.88 11.80 2.57
C ARG A 145 -7.20 13.02 1.70
N GLY A 146 -8.04 13.91 2.23
CA GLY A 146 -8.43 15.12 1.50
C GLY A 146 -7.24 15.99 1.16
N ASN A 147 -6.25 16.04 2.05
CA ASN A 147 -5.01 16.79 1.79
C ASN A 147 -4.26 16.28 0.55
N GLN A 148 -4.42 14.99 0.24
CA GLN A 148 -3.79 14.42 -0.96
C GLN A 148 -4.41 15.01 -2.22
N THR A 149 -5.71 15.25 -2.17
CA THR A 149 -6.45 15.90 -3.25
C THR A 149 -6.04 17.37 -3.35
N LEU A 150 -5.99 18.06 -2.21
CA LEU A 150 -5.55 19.45 -2.16
C LEU A 150 -4.20 19.67 -2.87
N LEU A 151 -3.24 18.77 -2.63
CA LEU A 151 -1.96 18.85 -3.33
C LEU A 151 -2.07 18.70 -4.84
N GLN A 152 -3.08 17.97 -5.29
CA GLN A 152 -3.34 17.76 -6.71
C GLN A 152 -4.13 18.90 -7.35
N LEU A 153 -4.72 19.77 -6.53
CA LEU A 153 -5.43 20.96 -7.05
C LEU A 153 -4.49 22.10 -7.36
N LEU A 154 -3.40 22.18 -6.60
CA LEU A 154 -2.34 23.16 -6.86
C LEU A 154 -1.59 22.81 -8.16
N PRO A 155 -0.93 23.80 -8.76
CA PRO A 155 -0.27 23.50 -10.03
C PRO A 155 0.85 22.48 -9.89
N ALA A 156 1.05 21.69 -10.94
CA ALA A 156 2.24 20.89 -11.07
C ALA A 156 3.44 21.81 -10.77
N GLY A 157 4.34 21.29 -9.96
CA GLY A 157 5.44 22.08 -9.42
C GLY A 157 5.35 22.04 -7.91
N ILE A 158 4.12 22.01 -7.40
CA ILE A 158 3.89 21.95 -5.95
C ILE A 158 4.48 20.67 -5.33
N GLU A 159 4.61 19.61 -6.14
CA GLU A 159 5.09 18.34 -5.60
C GLU A 159 6.61 18.19 -5.69
N LYS A 160 7.27 19.26 -6.11
CA LYS A 160 8.73 19.31 -6.10
C LYS A 160 9.24 19.27 -4.68
N ASN A 161 10.43 18.70 -4.48
CA ASN A 161 11.07 18.68 -3.18
C ASN A 161 12.03 19.84 -2.98
N THR A 162 12.15 20.68 -4.01
CA THR A 162 12.96 21.90 -3.95
C THR A 162 12.10 23.06 -4.42
N VAL A 163 12.50 24.28 -4.09
CA VAL A 163 11.71 25.49 -4.41
C VAL A 163 11.56 25.72 -5.91
N VAL A 164 10.31 25.93 -6.33
CA VAL A 164 9.95 26.17 -7.71
C VAL A 164 9.63 27.65 -7.87
N SER A 165 10.25 28.28 -8.85
CA SER A 165 10.01 29.70 -9.11
C SER A 165 9.22 29.85 -10.39
N GLY A 166 8.58 31.01 -10.54
CA GLY A 166 7.88 31.35 -11.77
C GLY A 166 6.53 30.69 -11.95
N VAL A 167 6.01 30.09 -10.88
CA VAL A 167 4.70 29.43 -10.92
C VAL A 167 3.81 30.10 -9.88
N GLN A 168 2.67 30.63 -10.33
CA GLN A 168 1.73 31.22 -9.40
C GLN A 168 0.97 30.08 -8.74
N TRP A 169 0.93 30.10 -7.41
CA TRP A 169 0.34 28.97 -6.69
C TRP A 169 -1.17 29.13 -6.56
N VAL A 170 -1.88 28.77 -7.60
CA VAL A 170 -3.32 29.00 -7.65
C VAL A 170 -4.12 27.72 -7.54
N ILE A 171 -5.35 27.85 -7.05
CA ILE A 171 -6.31 26.76 -7.04
C ILE A 171 -7.65 27.27 -7.58
N PRO A 172 -8.25 26.56 -8.56
CA PRO A 172 -9.49 27.06 -9.12
C PRO A 172 -10.58 27.01 -8.05
N HIS A 173 -11.49 27.98 -8.06
CA HIS A 173 -12.72 27.85 -7.30
C HIS A 173 -13.37 26.50 -7.62
N SER A 174 -13.63 25.69 -6.59
CA SER A 174 -14.02 24.32 -6.85
C SER A 174 -14.67 23.68 -5.65
N ASN A 175 -15.42 22.62 -5.93
CA ASN A 175 -16.15 21.89 -4.91
C ASN A 175 -15.95 20.41 -5.14
N ILE A 176 -15.39 19.73 -4.15
CA ILE A 176 -15.17 18.28 -4.23
C ILE A 176 -15.82 17.61 -3.04
N SER A 177 -16.51 16.51 -3.31
CA SER A 177 -16.92 15.59 -2.23
C SER A 177 -16.33 14.24 -2.59
N ASP A 178 -15.98 13.46 -1.58
CA ASP A 178 -15.23 12.24 -1.87
C ASP A 178 -15.26 11.28 -0.72
N LYS A 179 -15.10 10.00 -1.05
CA LYS A 179 -15.05 8.89 -0.10
C LYS A 179 -14.61 7.66 -0.89
N PRO A 180 -14.01 6.67 -0.20
CA PRO A 180 -13.57 5.48 -0.91
C PRO A 180 -14.68 4.44 -1.17
N GLU A 181 -14.55 3.70 -2.27
CA GLU A 181 -15.42 2.53 -2.51
C GLU A 181 -15.04 1.35 -1.58
N TYR A 182 -13.74 1.05 -1.49
CA TYR A 182 -13.24 -0.04 -0.63
C TYR A 182 -12.43 0.48 0.55
N GLU A 183 -12.58 -0.22 1.67
CA GLU A 183 -11.89 0.12 2.92
C GLU A 183 -10.40 -0.21 2.86
N TYR A 184 -10.07 -1.30 2.19
CA TYR A 184 -8.69 -1.78 2.16
C TYR A 184 -8.10 -1.49 0.78
N ARG A 185 -7.08 -0.66 0.74
CA ARG A 185 -6.44 -0.30 -0.53
C ARG A 185 -4.94 -0.31 -0.30
N GLY A 186 -4.31 -1.46 -0.60
CA GLY A 186 -2.98 -1.71 -0.07
C GLY A 186 -1.87 -1.91 -1.09
N LEU A 187 -0.65 -1.80 -0.60
CA LEU A 187 0.52 -2.11 -1.40
C LEU A 187 1.33 -3.10 -0.58
N MET A 188 1.77 -4.18 -1.22
CA MET A 188 2.73 -5.08 -0.61
C MET A 188 4.11 -4.88 -1.24
N LEU A 189 5.11 -4.77 -0.38
CA LEU A 189 6.50 -4.81 -0.83
C LEU A 189 7.23 -6.03 -0.29
N ASP A 190 7.80 -6.79 -1.22
CA ASP A 190 8.65 -7.96 -0.90
C ASP A 190 10.07 -7.43 -0.59
N VAL A 191 10.48 -7.51 0.67
CA VAL A 191 11.82 -7.09 1.08
C VAL A 191 12.71 -8.31 1.37
N ALA A 192 12.15 -9.50 1.12
CA ALA A 192 12.87 -10.76 1.30
C ALA A 192 13.75 -11.11 0.08
N ARG A 193 13.18 -11.00 -1.13
CA ARG A 193 13.88 -11.38 -2.37
C ARG A 193 15.05 -10.46 -2.67
N HIS A 194 14.82 -9.16 -2.52
CA HIS A 194 15.85 -8.14 -2.43
C HIS A 194 15.50 -7.19 -1.30
N PHE A 195 16.52 -6.79 -0.57
CA PHE A 195 16.32 -5.95 0.59
C PHE A 195 16.28 -4.48 0.15
N PHE A 196 15.42 -3.72 0.82
CA PHE A 196 15.36 -2.27 0.63
C PHE A 196 15.48 -1.58 1.98
N THR A 197 16.16 -0.44 1.99
CA THR A 197 16.50 0.25 3.23
C THR A 197 15.25 0.87 3.85
N VAL A 198 15.36 1.24 5.12
CA VAL A 198 14.28 1.95 5.80
C VAL A 198 13.88 3.20 5.00
N ASP A 199 14.86 3.97 4.53
CA ASP A 199 14.57 5.17 3.71
C ASP A 199 13.82 4.83 2.44
N GLU A 200 14.25 3.74 1.78
CA GLU A 200 13.60 3.31 0.54
C GLU A 200 12.15 2.89 0.78
N VAL A 201 11.92 2.17 1.87
CA VAL A 201 10.59 1.75 2.27
C VAL A 201 9.70 2.94 2.65
N LYS A 202 10.22 3.82 3.50
CA LYS A 202 9.51 5.08 3.83
C LYS A 202 9.11 5.85 2.56
N ARG A 203 10.04 5.96 1.61
CA ARG A 203 9.73 6.68 0.38
C ARG A 203 8.56 6.03 -0.37
N GLN A 204 8.55 4.70 -0.48
CA GLN A 204 7.45 4.04 -1.19
C GLN A 204 6.13 4.23 -0.44
N ILE A 205 6.17 4.16 0.89
CA ILE A 205 4.99 4.42 1.70
C ILE A 205 4.51 5.86 1.44
N ASP A 206 5.45 6.81 1.48
CA ASP A 206 5.09 8.22 1.25
C ASP A 206 4.42 8.44 -0.11
N LEU A 207 5.04 7.92 -1.18
CA LEU A 207 4.52 8.09 -2.54
C LEU A 207 3.13 7.47 -2.66
N ALA A 208 2.98 6.23 -2.19
CA ALA A 208 1.69 5.55 -2.22
C ALA A 208 0.61 6.36 -1.49
N SER A 209 0.96 6.96 -0.34
CA SER A 209 0.00 7.68 0.49
C SER A 209 -0.66 8.83 -0.29
N GLN A 210 0.10 9.41 -1.23
CA GLN A 210 -0.39 10.55 -2.05
C GLN A 210 -1.49 10.13 -3.02
N TYR A 211 -1.62 8.83 -3.21
CA TYR A 211 -2.67 8.28 -4.07
C TYR A 211 -3.73 7.53 -3.26
N LYS A 212 -3.77 7.80 -1.96
CA LYS A 212 -4.80 7.31 -1.03
C LYS A 212 -4.72 5.82 -0.72
N ILE A 213 -3.56 5.23 -1.03
CA ILE A 213 -3.23 3.91 -0.53
C ILE A 213 -3.22 4.04 1.00
N ASN A 214 -3.88 3.10 1.70
CA ASN A 214 -4.06 3.20 3.16
C ASN A 214 -3.55 2.00 3.93
N LYS A 215 -2.95 1.04 3.23
CA LYS A 215 -2.44 -0.20 3.82
C LYS A 215 -1.09 -0.53 3.22
N PHE A 216 -0.15 -0.93 4.07
CA PHE A 216 1.15 -1.39 3.59
C PHE A 216 1.49 -2.75 4.19
N HIS A 217 1.58 -3.75 3.32
CA HIS A 217 1.86 -5.13 3.71
C HIS A 217 3.36 -5.40 3.46
N MET A 218 4.10 -5.74 4.52
CA MET A 218 5.55 -6.01 4.37
C MET A 218 5.80 -7.51 4.38
N HIS A 219 6.31 -8.00 3.26
CA HIS A 219 6.64 -9.42 3.15
C HIS A 219 8.09 -9.56 3.66
N LEU A 220 8.20 -9.89 4.94
CA LEU A 220 9.45 -9.75 5.72
C LEU A 220 10.32 -11.00 5.72
N SER A 221 9.81 -12.09 5.16
CA SER A 221 10.57 -13.34 5.17
C SER A 221 10.20 -14.20 3.99
N ASP A 222 11.19 -14.87 3.44
CA ASP A 222 10.94 -15.86 2.43
C ASP A 222 12.13 -16.83 2.36
N ASP A 223 12.31 -17.49 1.22
CA ASP A 223 13.33 -18.50 1.08
C ASP A 223 14.74 -17.89 1.09
N GLN A 224 14.88 -16.70 0.50
CA GLN A 224 16.18 -16.09 0.24
C GLN A 224 16.63 -15.11 1.33
N GLY A 225 15.76 -14.88 2.32
CA GLY A 225 16.08 -13.93 3.36
C GLY A 225 15.02 -13.76 4.44
N TRP A 226 15.51 -13.45 5.65
CA TRP A 226 14.69 -13.14 6.81
C TRP A 226 15.02 -11.71 7.22
N ARG A 227 14.00 -10.83 7.31
CA ARG A 227 14.30 -9.38 7.43
C ARG A 227 13.91 -8.69 8.74
N ILE A 228 13.49 -9.44 9.75
CA ILE A 228 13.07 -8.82 11.00
C ILE A 228 13.78 -9.41 12.22
N GLU A 229 14.40 -8.54 13.02
CA GLU A 229 15.08 -9.00 14.23
C GLU A 229 14.11 -9.74 15.16
N ILE A 230 14.45 -10.98 15.53
CA ILE A 230 13.72 -11.76 16.54
C ILE A 230 14.75 -12.07 17.62
N LYS A 231 14.61 -11.43 18.77
CA LYS A 231 15.65 -11.48 19.81
C LYS A 231 15.86 -12.90 20.38
N SER A 232 14.78 -13.68 20.41
CA SER A 232 14.83 -15.03 20.97
C SER A 232 15.41 -16.06 20.01
N TRP A 233 15.56 -15.68 18.74
CA TRP A 233 16.14 -16.53 17.71
C TRP A 233 17.13 -15.69 16.85
N PRO A 234 18.24 -15.27 17.47
CA PRO A 234 19.10 -14.26 16.84
C PRO A 234 19.74 -14.68 15.52
N ASP A 235 19.85 -15.99 15.28
CA ASP A 235 20.46 -16.41 14.02
C ASP A 235 19.57 -16.20 12.78
N LEU A 236 18.29 -15.89 12.99
CA LEU A 236 17.43 -15.48 11.88
C LEU A 236 18.04 -14.30 11.14
N ILE A 237 18.68 -13.41 11.89
CA ILE A 237 19.38 -12.24 11.34
C ILE A 237 20.85 -12.60 11.08
N GLU A 238 21.51 -13.19 12.08
CA GLU A 238 22.94 -13.45 11.95
C GLU A 238 23.28 -14.35 10.77
N ILE A 239 22.37 -15.27 10.44
CA ILE A 239 22.57 -16.15 9.29
C ILE A 239 21.52 -15.84 8.23
N GLY A 240 20.26 -15.83 8.63
CA GLY A 240 19.15 -15.73 7.67
C GLY A 240 18.94 -14.44 6.89
N SER A 241 19.56 -13.34 7.35
CA SER A 241 19.42 -12.05 6.67
C SER A 241 20.59 -11.73 5.72
N LYS A 242 21.60 -12.60 5.70
CA LYS A 242 22.90 -12.26 5.10
C LYS A 242 22.99 -12.37 3.58
N GLY A 243 21.87 -12.65 2.92
CA GLY A 243 21.83 -12.75 1.47
C GLY A 243 20.48 -12.31 0.93
N GLN A 244 20.29 -12.58 -0.36
CA GLN A 244 19.06 -12.27 -1.07
C GLN A 244 19.18 -12.95 -2.43
N VAL A 245 18.15 -12.82 -3.28
CA VAL A 245 18.22 -13.29 -4.66
C VAL A 245 19.46 -12.70 -5.32
N GLY A 246 20.21 -13.56 -6.02
CA GLY A 246 21.40 -13.12 -6.73
C GLY A 246 22.68 -12.97 -5.92
N GLY A 247 22.64 -13.27 -4.62
CA GLY A 247 23.86 -13.12 -3.81
C GLY A 247 24.38 -11.73 -3.43
N GLY A 248 23.54 -10.70 -3.51
CA GLY A 248 23.82 -9.41 -2.82
C GLY A 248 23.93 -9.64 -1.31
N PRO A 249 24.24 -8.58 -0.53
CA PRO A 249 24.52 -8.81 0.89
C PRO A 249 23.27 -8.95 1.78
N GLY A 250 22.10 -8.59 1.26
CA GLY A 250 20.87 -8.70 2.06
C GLY A 250 20.69 -7.51 2.98
N GLY A 251 20.27 -7.77 4.21
CA GLY A 251 20.01 -6.70 5.18
C GLY A 251 18.85 -7.11 6.06
N TYR A 252 18.51 -6.27 7.03
CA TYR A 252 17.35 -6.52 7.89
C TYR A 252 16.94 -5.25 8.63
N TYR A 253 15.75 -5.30 9.25
CA TYR A 253 15.24 -4.26 10.13
C TYR A 253 15.38 -4.73 11.56
N THR A 254 16.02 -3.91 12.38
CA THR A 254 15.94 -4.10 13.84
C THR A 254 14.48 -3.86 14.24
N GLN A 255 14.11 -4.31 15.43
CA GLN A 255 12.78 -4.01 15.93
C GLN A 255 12.57 -2.48 16.04
N GLU A 256 13.62 -1.74 16.39
CA GLU A 256 13.48 -0.28 16.43
C GLU A 256 13.21 0.32 15.04
N GLN A 257 13.89 -0.20 14.01
CA GLN A 257 13.64 0.26 12.62
C GLN A 257 12.24 -0.11 12.15
N PHE A 258 11.77 -1.28 12.53
CA PHE A 258 10.40 -1.65 12.18
C PHE A 258 9.40 -0.70 12.85
N LYS A 259 9.62 -0.39 14.12
CA LYS A 259 8.74 0.54 14.82
C LYS A 259 8.74 1.91 14.15
N ASP A 260 9.90 2.30 13.63
CA ASP A 260 10.05 3.58 12.95
C ASP A 260 9.23 3.58 11.65
N ILE A 261 9.27 2.48 10.90
CA ILE A 261 8.43 2.33 9.69
C ILE A 261 6.93 2.43 10.03
N VAL A 262 6.53 1.69 11.07
CA VAL A 262 5.15 1.73 11.55
C VAL A 262 4.73 3.16 11.90
N SER A 263 5.62 3.88 12.60
CA SER A 263 5.31 5.22 13.05
C SER A 263 5.18 6.16 11.83
N TYR A 264 6.10 6.02 10.88
CA TYR A 264 6.06 6.81 9.65
C TYR A 264 4.77 6.56 8.88
N ALA A 265 4.38 5.28 8.75
CA ALA A 265 3.12 4.95 8.09
C ALA A 265 1.91 5.51 8.85
N ALA A 266 1.97 5.48 10.19
CA ALA A 266 0.86 5.95 11.02
C ALA A 266 0.56 7.45 10.78
N GLU A 267 1.61 8.24 10.56
CA GLU A 267 1.48 9.68 10.25
C GLU A 267 0.70 9.91 8.98
N ARG A 268 0.68 8.88 8.13
CA ARG A 268 -0.07 8.91 6.88
C ARG A 268 -1.35 8.07 6.94
N TYR A 269 -1.77 7.67 8.16
CA TYR A 269 -2.98 6.86 8.36
C TYR A 269 -2.92 5.58 7.52
N ILE A 270 -1.73 5.00 7.52
CA ILE A 270 -1.47 3.74 6.84
C ILE A 270 -1.18 2.67 7.89
N GLU A 271 -1.99 1.63 7.84
CA GLU A 271 -1.81 0.44 8.64
C GLU A 271 -0.71 -0.43 8.04
N VAL A 272 0.23 -0.87 8.88
CA VAL A 272 1.28 -1.78 8.43
C VAL A 272 0.94 -3.20 8.86
N ILE A 273 0.85 -4.09 7.88
CA ILE A 273 0.59 -5.49 8.19
C ILE A 273 1.85 -6.31 7.88
N PRO A 274 2.53 -6.81 8.92
CA PRO A 274 3.74 -7.58 8.70
C PRO A 274 3.41 -9.03 8.32
N GLU A 275 4.18 -9.61 7.39
CA GLU A 275 3.97 -11.00 7.02
C GLU A 275 5.19 -11.84 7.36
N ILE A 276 4.96 -12.91 8.12
CA ILE A 276 5.95 -13.97 8.27
C ILE A 276 5.35 -15.19 7.58
N ASP A 277 5.89 -15.53 6.42
CA ASP A 277 5.28 -16.54 5.57
C ASP A 277 5.55 -17.94 6.14
N MET A 278 4.49 -18.72 6.27
CA MET A 278 4.59 -20.09 6.80
C MET A 278 3.39 -20.92 6.28
N PRO A 279 3.53 -22.25 6.22
CA PRO A 279 4.71 -23.07 6.53
C PRO A 279 5.69 -23.15 5.36
N GLY A 280 5.25 -22.67 4.20
CA GLY A 280 6.13 -22.64 3.02
C GLY A 280 6.92 -21.33 2.95
N HIS A 281 7.78 -21.22 1.94
CA HIS A 281 8.61 -20.01 1.79
C HIS A 281 9.43 -19.71 3.05
N THR A 282 9.98 -20.76 3.64
CA THR A 282 10.64 -20.66 4.94
C THR A 282 12.13 -21.03 4.90
N ASN A 283 12.72 -21.15 3.71
CA ASN A 283 14.14 -21.57 3.66
C ASN A 283 15.08 -20.72 4.51
N ALA A 284 14.88 -19.41 4.56
CA ALA A 284 15.78 -18.56 5.36
C ALA A 284 15.80 -18.96 6.84
N ALA A 285 14.63 -19.27 7.39
CA ALA A 285 14.55 -19.74 8.78
C ALA A 285 15.23 -21.10 8.90
N LEU A 286 14.95 -21.97 7.94
CA LEU A 286 15.51 -23.33 7.89
C LEU A 286 17.03 -23.36 7.69
N ALA A 287 17.56 -22.30 7.11
CA ALA A 287 19.00 -22.14 6.93
C ALA A 287 19.68 -21.53 8.16
N SER A 288 18.88 -20.98 9.09
CA SER A 288 19.37 -20.33 10.30
C SER A 288 19.45 -21.29 11.50
N TYR A 289 18.48 -22.19 11.60
CA TYR A 289 18.37 -23.11 12.73
C TYR A 289 18.15 -24.54 12.26
N GLY A 290 19.16 -25.38 12.45
CA GLY A 290 19.09 -26.78 12.02
C GLY A 290 17.97 -27.53 12.69
N GLU A 291 17.65 -27.18 13.94
CA GLU A 291 16.58 -27.87 14.68
C GLU A 291 15.18 -27.70 14.06
N LEU A 292 15.05 -26.76 13.13
CA LEU A 292 13.80 -26.60 12.40
C LEU A 292 13.67 -27.61 11.24
N ASN A 293 14.74 -28.36 10.98
CA ASN A 293 14.76 -29.36 9.91
C ASN A 293 14.75 -30.78 10.50
N PRO A 294 14.14 -31.74 9.77
CA PRO A 294 14.07 -33.14 10.23
C PRO A 294 15.43 -33.75 10.53
N ASP A 295 16.45 -33.41 9.75
CA ASP A 295 17.79 -33.98 10.00
C ASP A 295 18.65 -33.16 10.96
N GLY A 296 18.07 -32.10 11.51
CA GLY A 296 18.77 -31.25 12.48
C GLY A 296 19.87 -30.38 11.90
N LYS A 297 20.03 -30.39 10.58
CA LYS A 297 21.07 -29.63 9.91
C LYS A 297 20.47 -28.40 9.27
N ARG A 298 21.21 -27.30 9.30
CA ARG A 298 20.80 -26.08 8.59
C ARG A 298 20.73 -26.35 7.09
N LYS A 299 19.75 -25.75 6.41
CA LYS A 299 19.70 -25.72 4.96
C LYS A 299 20.78 -24.76 4.48
N ALA A 300 21.34 -25.01 3.29
CA ALA A 300 22.13 -23.99 2.63
C ALA A 300 21.21 -22.79 2.28
N MET A 301 21.75 -21.58 2.35
CA MET A 301 20.99 -20.41 1.91
C MET A 301 20.70 -20.52 0.40
N ARG A 302 19.59 -19.95 -0.04
CA ARG A 302 19.21 -20.03 -1.45
C ARG A 302 19.18 -18.62 -2.04
N THR A 303 19.78 -18.45 -3.23
CA THR A 303 19.81 -17.13 -3.90
C THR A 303 19.17 -17.17 -5.30
N ASP A 304 18.56 -18.31 -5.63
CA ASP A 304 17.80 -18.48 -6.87
C ASP A 304 16.36 -17.98 -6.65
N THR A 305 15.50 -18.19 -7.63
CA THR A 305 14.13 -17.67 -7.58
C THR A 305 13.07 -18.77 -7.56
N ALA A 306 13.49 -20.03 -7.37
CA ALA A 306 12.50 -21.11 -7.28
C ALA A 306 11.60 -20.92 -6.06
N VAL A 307 10.37 -21.44 -6.19
CA VAL A 307 9.40 -21.43 -5.10
C VAL A 307 8.80 -22.82 -4.85
N GLY A 308 8.19 -22.99 -3.67
CA GLY A 308 7.32 -24.14 -3.37
C GLY A 308 7.98 -25.30 -2.66
N TYR A 309 9.30 -25.27 -2.52
CA TYR A 309 10.05 -26.43 -2.06
C TYR A 309 10.25 -26.53 -0.54
N SER A 310 10.06 -25.43 0.18
CA SER A 310 10.45 -25.40 1.59
C SER A 310 9.24 -25.63 2.50
N THR A 311 9.48 -26.19 3.67
CA THR A 311 8.43 -26.37 4.65
C THR A 311 8.99 -26.41 6.05
N LEU A 312 8.24 -25.81 6.98
CA LEU A 312 8.42 -26.11 8.39
C LEU A 312 7.95 -27.54 8.65
N MET A 313 8.40 -28.12 9.77
CA MET A 313 7.97 -29.45 10.18
C MET A 313 6.59 -29.32 10.83
N PRO A 314 5.53 -29.80 10.17
CA PRO A 314 4.19 -29.52 10.67
C PRO A 314 3.84 -30.28 11.94
N ARG A 315 4.55 -31.37 12.22
CA ARG A 315 4.19 -32.22 13.36
C ARG A 315 5.23 -32.22 14.48
N ALA A 316 6.12 -31.23 14.48
CA ALA A 316 7.12 -31.08 15.54
C ALA A 316 6.75 -29.90 16.43
N GLU A 317 6.76 -30.11 17.75
CA GLU A 317 6.44 -29.01 18.66
C GLU A 317 7.42 -27.83 18.57
N ILE A 318 8.69 -28.11 18.28
CA ILE A 318 9.69 -27.05 18.08
C ILE A 318 9.20 -26.00 17.05
N THR A 319 8.51 -26.45 16.01
CA THR A 319 7.99 -25.57 14.97
C THR A 319 7.05 -24.54 15.59
N TYR A 320 6.17 -25.02 16.48
CA TYR A 320 5.16 -24.15 17.09
C TYR A 320 5.74 -23.26 18.18
N GLN A 321 6.79 -23.73 18.85
CA GLN A 321 7.56 -22.87 19.76
C GLN A 321 8.24 -21.73 18.99
N PHE A 322 8.94 -22.08 17.92
CA PHE A 322 9.50 -21.08 17.00
C PHE A 322 8.44 -20.05 16.55
N VAL A 323 7.32 -20.53 16.01
CA VAL A 323 6.26 -19.62 15.53
C VAL A 323 5.76 -18.71 16.66
N GLU A 324 5.53 -19.30 17.83
CA GLU A 324 5.09 -18.51 18.98
C GLU A 324 6.07 -17.39 19.37
N ASP A 325 7.36 -17.70 19.42
CA ASP A 325 8.37 -16.69 19.74
C ASP A 325 8.38 -15.57 18.72
N VAL A 326 8.27 -15.93 17.45
CA VAL A 326 8.24 -14.93 16.39
C VAL A 326 7.00 -14.05 16.53
N ILE A 327 5.84 -14.69 16.63
CA ILE A 327 4.58 -13.97 16.79
C ILE A 327 4.57 -13.08 18.03
N SER A 328 5.04 -13.62 19.17
CA SER A 328 5.12 -12.82 20.41
C SER A 328 5.92 -11.53 20.21
N GLU A 329 7.09 -11.65 19.60
CA GLU A 329 7.95 -10.47 19.41
C GLU A 329 7.38 -9.48 18.38
N LEU A 330 6.84 -10.02 17.29
CA LEU A 330 6.26 -9.18 16.25
C LEU A 330 4.99 -8.47 16.73
N ALA A 331 4.11 -9.19 17.41
CA ALA A 331 2.90 -8.58 17.99
C ALA A 331 3.23 -7.41 18.91
N ALA A 332 4.28 -7.58 19.72
CA ALA A 332 4.70 -6.55 20.67
C ALA A 332 5.07 -5.22 19.99
N ILE A 333 5.48 -5.29 18.73
CA ILE A 333 5.98 -4.10 18.00
C ILE A 333 5.12 -3.68 16.81
N SER A 334 4.03 -4.41 16.59
CA SER A 334 3.16 -4.16 15.44
C SER A 334 1.75 -3.89 15.93
N PRO A 335 1.36 -2.60 15.96
CA PRO A 335 0.02 -2.27 16.49
C PRO A 335 -1.18 -2.69 15.63
N SER A 336 -1.00 -2.93 14.33
CA SER A 336 -2.12 -3.45 13.52
C SER A 336 -2.78 -4.65 14.20
N PRO A 337 -4.11 -4.71 14.20
CA PRO A 337 -4.78 -5.90 14.72
C PRO A 337 -4.54 -7.15 13.86
N TYR A 338 -3.86 -7.00 12.72
CA TYR A 338 -3.58 -8.12 11.82
C TYR A 338 -2.11 -8.51 11.73
N ILE A 339 -1.88 -9.82 11.66
CA ILE A 339 -0.61 -10.35 11.22
C ILE A 339 -0.85 -11.28 10.02
N HIS A 340 -0.02 -11.15 9.00
CA HIS A 340 -0.15 -11.98 7.81
C HIS A 340 0.79 -13.19 8.02
N LEU A 341 0.22 -14.39 7.96
CA LEU A 341 1.03 -15.60 8.15
C LEU A 341 1.32 -16.35 6.85
N GLY A 342 1.06 -15.68 5.72
CA GLY A 342 1.32 -16.26 4.41
C GLY A 342 0.45 -17.45 4.05
N GLY A 343 1.07 -18.62 3.92
CA GLY A 343 0.33 -19.84 3.54
C GLY A 343 0.28 -20.15 2.05
N ASP A 344 1.05 -19.42 1.25
CA ASP A 344 1.10 -19.64 -0.20
C ASP A 344 2.10 -20.73 -0.57
N GLU A 345 1.80 -21.48 -1.65
CA GLU A 345 2.78 -22.38 -2.27
C GLU A 345 3.49 -23.33 -1.30
N SER A 346 2.72 -23.93 -0.41
CA SER A 346 3.28 -24.91 0.53
C SER A 346 3.35 -26.29 -0.13
N ASN A 347 4.07 -26.36 -1.25
CA ASN A 347 4.05 -27.54 -2.10
C ASN A 347 4.80 -28.74 -1.51
N ALA A 348 5.53 -28.49 -0.45
CA ALA A 348 6.24 -29.55 0.28
C ALA A 348 5.54 -29.88 1.60
N THR A 349 4.29 -29.41 1.74
CA THR A 349 3.47 -29.71 2.91
C THR A 349 2.21 -30.40 2.42
N SER A 350 1.84 -31.53 3.03
CA SER A 350 0.65 -32.26 2.61
C SER A 350 -0.60 -31.42 2.93
N ALA A 351 -1.70 -31.69 2.22
CA ALA A 351 -2.97 -31.00 2.49
C ALA A 351 -3.36 -31.13 3.98
N ALA A 352 -3.27 -32.37 4.50
CA ALA A 352 -3.65 -32.62 5.88
C ALA A 352 -2.78 -31.81 6.84
N ASP A 353 -1.46 -31.79 6.58
CA ASP A 353 -0.51 -31.07 7.44
C ASP A 353 -0.66 -29.56 7.35
N TYR A 354 -0.96 -29.07 6.15
CA TYR A 354 -1.23 -27.64 5.97
C TYR A 354 -2.46 -27.18 6.75
N ASP A 355 -3.55 -27.95 6.66
CA ASP A 355 -4.77 -27.66 7.38
C ASP A 355 -4.46 -27.56 8.87
N TYR A 356 -3.74 -28.55 9.39
CA TYR A 356 -3.38 -28.61 10.81
C TYR A 356 -2.43 -27.47 11.18
N PHE A 357 -1.39 -27.28 10.39
CA PHE A 357 -0.42 -26.24 10.69
C PHE A 357 -1.07 -24.84 10.74
N PHE A 358 -1.84 -24.51 9.70
CA PHE A 358 -2.37 -23.17 9.65
C PHE A 358 -3.39 -22.90 10.76
N GLY A 359 -4.10 -23.94 11.16
CA GLY A 359 -5.04 -23.84 12.29
C GLY A 359 -4.30 -23.58 13.59
N ARG A 360 -3.22 -24.31 13.81
CA ARG A 360 -2.38 -24.10 15.00
C ARG A 360 -1.77 -22.72 15.10
N VAL A 361 -1.27 -22.20 13.99
CA VAL A 361 -0.57 -20.93 14.05
C VAL A 361 -1.59 -19.79 14.17
N THR A 362 -2.81 -20.02 13.69
CA THR A 362 -3.90 -19.06 13.82
C THR A 362 -4.29 -18.95 15.29
N ALA A 363 -4.34 -20.09 15.97
CA ALA A 363 -4.63 -20.10 17.40
C ALA A 363 -3.54 -19.35 18.16
N ILE A 364 -2.27 -19.51 17.77
CA ILE A 364 -1.17 -18.79 18.43
C ILE A 364 -1.33 -17.26 18.21
N ALA A 365 -1.52 -16.85 16.96
CA ALA A 365 -1.70 -15.42 16.66
C ALA A 365 -2.86 -14.82 17.45
N ASN A 366 -4.00 -15.51 17.49
CA ASN A 366 -5.18 -15.03 18.22
C ASN A 366 -4.90 -14.88 19.72
N SER A 367 -4.09 -15.80 20.27
CA SER A 367 -3.68 -15.74 21.69
C SER A 367 -2.84 -14.51 22.00
N TYR A 368 -2.16 -14.00 20.97
CA TYR A 368 -1.39 -12.77 21.08
C TYR A 368 -2.16 -11.54 20.61
N GLY A 369 -3.47 -11.69 20.49
CA GLY A 369 -4.38 -10.57 20.23
C GLY A 369 -4.41 -10.16 18.77
N LYS A 370 -3.92 -11.03 17.87
CA LYS A 370 -3.89 -10.72 16.44
C LYS A 370 -4.78 -11.64 15.58
N LYS A 371 -5.45 -11.02 14.61
CA LYS A 371 -6.25 -11.72 13.61
C LYS A 371 -5.29 -12.06 12.46
N VAL A 372 -5.56 -13.16 11.78
CA VAL A 372 -4.63 -13.67 10.77
C VAL A 372 -5.10 -13.37 9.36
N VAL A 373 -4.19 -12.86 8.55
CA VAL A 373 -4.38 -12.75 7.10
C VAL A 373 -3.55 -13.89 6.48
N GLY A 374 -4.05 -14.52 5.43
CA GLY A 374 -3.25 -15.55 4.75
C GLY A 374 -3.59 -15.59 3.26
N TRP A 375 -2.60 -15.91 2.43
CA TRP A 375 -2.86 -16.20 0.99
C TRP A 375 -3.80 -17.40 0.83
N ASP A 376 -4.59 -17.46 -0.25
CA ASP A 376 -5.26 -18.73 -0.54
C ASP A 376 -4.17 -19.79 -0.74
N PRO A 377 -4.44 -21.04 -0.33
CA PRO A 377 -5.70 -21.62 0.15
C PRO A 377 -5.83 -21.63 1.68
N SER A 378 -5.26 -20.65 2.38
CA SER A 378 -5.27 -20.68 3.86
C SER A 378 -6.66 -20.61 4.51
N ASP A 379 -7.62 -20.01 3.82
CA ASP A 379 -9.03 -19.98 4.29
C ASP A 379 -9.66 -21.36 4.49
N THR A 380 -9.15 -22.35 3.75
CA THR A 380 -9.62 -23.74 3.89
C THR A 380 -9.20 -24.43 5.19
N SER A 381 -8.29 -23.84 5.97
CA SER A 381 -7.89 -24.46 7.23
C SER A 381 -9.05 -24.55 8.20
N SER A 382 -9.24 -25.72 8.79
CA SER A 382 -10.36 -25.88 9.71
C SER A 382 -10.17 -25.02 10.95
N GLY A 383 -8.95 -24.48 11.13
CA GLY A 383 -8.67 -23.62 12.27
C GLY A 383 -8.87 -22.14 12.02
N ALA A 384 -9.23 -21.76 10.80
CA ALA A 384 -9.56 -20.36 10.53
C ALA A 384 -10.83 -19.92 11.31
N THR A 385 -10.97 -18.62 11.58
CA THR A 385 -12.20 -18.10 12.17
C THR A 385 -12.77 -17.07 11.21
N SER A 386 -13.98 -16.60 11.47
CA SER A 386 -14.56 -15.55 10.65
C SER A 386 -13.81 -14.22 10.76
N ASP A 387 -12.94 -14.09 11.76
CA ASP A 387 -12.07 -12.92 11.88
C ASP A 387 -10.81 -13.02 11.02
N SER A 388 -10.49 -14.23 10.58
CA SER A 388 -9.35 -14.41 9.65
C SER A 388 -9.68 -13.73 8.33
N VAL A 389 -8.66 -13.35 7.59
CA VAL A 389 -8.85 -12.68 6.30
C VAL A 389 -8.14 -13.48 5.23
N LEU A 390 -8.81 -13.65 4.10
CA LEU A 390 -8.18 -14.30 2.96
C LEU A 390 -7.63 -13.25 1.99
N GLN A 391 -6.37 -13.41 1.62
CA GLN A 391 -5.82 -12.67 0.48
C GLN A 391 -5.88 -13.59 -0.72
N ASN A 392 -6.82 -13.24 -1.59
CA ASN A 392 -7.19 -14.07 -2.72
C ASN A 392 -6.34 -13.61 -3.87
N TRP A 393 -5.29 -14.38 -4.18
CA TRP A 393 -4.42 -14.07 -5.31
C TRP A 393 -4.75 -14.94 -6.52
N THR A 394 -5.15 -16.18 -6.28
CA THR A 394 -5.44 -17.09 -7.39
C THR A 394 -6.62 -16.60 -8.25
N CYS A 395 -7.67 -16.10 -7.58
CA CYS A 395 -8.85 -15.56 -8.26
C CYS A 395 -9.47 -16.54 -9.27
N SER A 396 -9.57 -17.80 -8.85
CA SER A 396 -10.24 -18.78 -9.70
C SER A 396 -11.68 -18.99 -9.21
N ALA A 397 -12.46 -19.76 -9.96
CA ALA A 397 -13.88 -19.96 -9.60
C ALA A 397 -14.05 -20.53 -8.18
N SER A 398 -13.13 -21.38 -7.74
CA SER A 398 -13.30 -22.05 -6.45
C SER A 398 -12.52 -21.38 -5.31
N THR A 399 -11.65 -20.44 -5.64
CA THR A 399 -10.86 -19.77 -4.58
C THR A 399 -11.78 -19.04 -3.61
N GLY A 400 -11.54 -19.21 -2.31
CA GLY A 400 -12.30 -18.48 -1.29
C GLY A 400 -13.71 -18.99 -1.06
N THR A 401 -14.00 -20.18 -1.57
CA THR A 401 -15.23 -20.89 -1.21
C THR A 401 -15.32 -21.02 0.31
N ALA A 402 -14.22 -21.42 0.93
CA ALA A 402 -14.16 -21.54 2.40
C ALA A 402 -14.37 -20.20 3.08
N ALA A 403 -13.62 -19.19 2.66
CA ALA A 403 -13.72 -17.84 3.23
C ALA A 403 -15.16 -17.36 3.20
N LYS A 404 -15.83 -17.52 2.05
CA LYS A 404 -17.21 -17.07 1.90
C LYS A 404 -18.15 -17.77 2.89
N ALA A 405 -18.01 -19.09 2.98
CA ALA A 405 -18.82 -19.89 3.89
C ALA A 405 -18.59 -19.51 5.35
N LYS A 406 -17.36 -19.11 5.67
CA LYS A 406 -16.95 -18.79 7.02
C LYS A 406 -17.18 -17.30 7.39
N GLY A 407 -17.61 -16.50 6.42
CA GLY A 407 -17.85 -15.06 6.64
C GLY A 407 -16.57 -14.25 6.79
N MET A 408 -15.48 -14.74 6.17
CA MET A 408 -14.19 -14.07 6.23
C MET A 408 -14.14 -12.95 5.17
N LYS A 409 -13.59 -11.80 5.55
CA LYS A 409 -13.32 -10.72 4.61
C LYS A 409 -12.27 -11.19 3.63
N VAL A 410 -12.33 -10.64 2.42
CA VAL A 410 -11.41 -11.01 1.33
C VAL A 410 -10.71 -9.79 0.73
N ILE A 411 -9.39 -9.88 0.61
CA ILE A 411 -8.58 -8.87 -0.08
C ILE A 411 -8.19 -9.50 -1.40
N VAL A 412 -8.45 -8.79 -2.49
CA VAL A 412 -8.17 -9.37 -3.81
C VAL A 412 -6.86 -8.88 -4.40
N SER A 413 -6.10 -9.82 -4.97
CA SER A 413 -4.87 -9.49 -5.68
C SER A 413 -4.78 -10.30 -6.96
N PRO A 414 -5.61 -9.96 -7.96
CA PRO A 414 -5.60 -10.70 -9.22
C PRO A 414 -4.35 -10.39 -10.04
N ALA A 415 -4.23 -11.00 -11.21
CA ALA A 415 -3.15 -10.67 -12.14
C ALA A 415 -3.03 -9.15 -12.30
N ASN A 416 -4.18 -8.47 -12.38
CA ASN A 416 -4.21 -7.02 -12.61
C ASN A 416 -3.53 -6.20 -11.49
N ALA A 417 -3.31 -6.83 -10.34
CA ALA A 417 -2.70 -6.18 -9.18
C ALA A 417 -1.30 -6.73 -8.90
N TYR A 418 -0.82 -7.61 -9.78
CA TYR A 418 0.52 -8.20 -9.65
C TYR A 418 1.45 -7.30 -10.42
N LEU A 419 1.88 -6.24 -9.74
CA LEU A 419 2.60 -5.12 -10.36
C LEU A 419 4.04 -5.47 -10.70
N ASP A 420 4.48 -6.64 -10.22
CA ASP A 420 5.80 -7.19 -10.61
C ASP A 420 5.80 -7.81 -12.02
N MET A 421 4.62 -7.97 -12.63
CA MET A 421 4.56 -8.48 -14.00
C MET A 421 5.11 -7.42 -14.96
N LYS A 422 5.90 -7.88 -15.94
CA LYS A 422 6.30 -7.03 -17.06
C LYS A 422 5.12 -6.24 -17.61
N TYR A 423 5.38 -4.99 -17.99
CA TYR A 423 4.40 -4.22 -18.78
C TYR A 423 4.12 -4.90 -20.13
N TYR A 424 5.20 -5.39 -20.76
CA TYR A 424 5.18 -5.95 -22.12
C TYR A 424 6.21 -7.05 -22.24
N SER A 425 6.05 -7.88 -23.26
CA SER A 425 7.04 -8.93 -23.57
C SER A 425 8.49 -8.45 -23.38
N ASP A 426 8.76 -7.23 -23.84
CA ASP A 426 10.14 -6.74 -23.88
C ASP A 426 10.57 -5.94 -22.64
N SER A 427 9.77 -5.94 -21.57
CA SER A 427 10.19 -5.21 -20.36
C SER A 427 11.54 -5.71 -19.86
N PRO A 428 12.41 -4.79 -19.43
CA PRO A 428 13.77 -5.20 -19.00
C PRO A 428 13.81 -5.86 -17.61
N ILE A 429 12.73 -5.69 -16.86
CA ILE A 429 12.59 -6.28 -15.52
C ILE A 429 11.17 -6.79 -15.38
N GLY A 430 10.93 -7.63 -14.38
CA GLY A 430 9.61 -8.18 -14.14
C GLY A 430 9.48 -9.67 -14.47
N LEU A 431 8.38 -10.26 -13.99
CA LEU A 431 8.03 -11.65 -14.30
C LEU A 431 6.87 -11.70 -15.27
N GLN A 432 6.43 -12.90 -15.63
CA GLN A 432 5.35 -12.99 -16.60
C GLN A 432 4.49 -14.23 -16.44
N TRP A 433 4.55 -14.86 -15.26
CA TRP A 433 3.75 -16.06 -15.04
C TRP A 433 2.23 -15.77 -14.90
N ARG A 434 1.86 -14.49 -14.74
CA ARG A 434 0.46 -14.08 -14.85
C ARG A 434 0.21 -13.29 -16.14
N GLY A 435 1.12 -13.43 -17.10
CA GLY A 435 1.03 -12.65 -18.34
C GLY A 435 1.63 -11.27 -18.13
N PHE A 436 1.39 -10.36 -19.06
CA PHE A 436 1.88 -8.99 -18.91
C PHE A 436 0.81 -8.11 -18.30
N VAL A 437 1.24 -7.10 -17.55
CA VAL A 437 0.30 -6.17 -16.91
C VAL A 437 0.76 -4.75 -17.21
N ASN A 438 0.19 -4.16 -18.26
CA ASN A 438 0.46 -2.76 -18.55
C ASN A 438 -0.50 -1.85 -17.74
N THR A 439 -0.43 -0.55 -17.97
CA THR A 439 -1.19 0.41 -17.19
C THR A 439 -2.71 0.26 -17.40
N ASN A 440 -3.07 -0.09 -18.64
CA ASN A 440 -4.46 -0.38 -18.99
C ASN A 440 -5.01 -1.62 -18.27
N ARG A 441 -4.28 -2.74 -18.34
CA ARG A 441 -4.67 -3.94 -17.61
C ARG A 441 -4.78 -3.72 -16.09
N ALA A 442 -3.87 -2.90 -15.54
CA ALA A 442 -3.86 -2.56 -14.11
C ALA A 442 -5.09 -1.72 -13.72
N TYR A 443 -5.73 -1.11 -14.73
CA TYR A 443 -6.96 -0.31 -14.53
C TYR A 443 -8.28 -1.06 -14.83
N ASN A 444 -8.28 -1.82 -15.93
CA ASN A 444 -9.51 -2.39 -16.49
C ASN A 444 -9.98 -3.68 -15.83
N TRP A 445 -10.42 -3.56 -14.59
CA TRP A 445 -10.93 -4.68 -13.83
C TRP A 445 -11.73 -4.14 -12.64
N ASP A 446 -12.39 -5.06 -11.95
CA ASP A 446 -13.15 -4.72 -10.74
C ASP A 446 -12.96 -5.83 -9.72
N PRO A 447 -12.87 -5.48 -8.43
CA PRO A 447 -12.73 -6.55 -7.42
C PRO A 447 -13.77 -7.66 -7.52
N THR A 448 -15.00 -7.33 -7.89
CA THR A 448 -16.06 -8.33 -8.05
C THR A 448 -15.79 -9.31 -9.21
N ASP A 449 -14.87 -8.95 -10.11
CA ASP A 449 -14.40 -9.88 -11.15
C ASP A 449 -13.68 -11.10 -10.53
N CYS A 450 -12.90 -10.87 -9.46
CA CYS A 450 -11.99 -11.90 -8.92
C CYS A 450 -12.75 -12.95 -8.10
N ILE A 451 -13.78 -12.52 -7.38
CA ILE A 451 -14.59 -13.39 -6.51
C ILE A 451 -16.01 -12.87 -6.44
N LYS A 452 -16.96 -13.78 -6.56
CA LYS A 452 -18.37 -13.46 -6.44
C LYS A 452 -18.91 -13.96 -5.12
N GLY A 453 -19.91 -13.24 -4.58
CA GLY A 453 -20.59 -13.61 -3.34
C GLY A 453 -19.75 -13.49 -2.07
N ALA A 454 -18.73 -12.63 -2.11
CA ALA A 454 -17.83 -12.44 -0.97
C ALA A 454 -18.00 -11.06 -0.33
N ASN A 455 -17.57 -10.96 0.91
CA ASN A 455 -17.38 -9.68 1.59
C ASN A 455 -16.01 -9.22 1.16
N ILE A 456 -15.96 -8.37 0.14
CA ILE A 456 -14.69 -7.90 -0.37
C ILE A 456 -14.23 -6.67 0.44
N TYR A 457 -13.18 -6.92 1.22
CA TYR A 457 -12.57 -5.89 2.08
C TYR A 457 -11.83 -4.85 1.23
N GLY A 458 -11.15 -5.33 0.19
CA GLY A 458 -10.51 -4.42 -0.73
C GLY A 458 -9.51 -5.07 -1.65
N VAL A 459 -8.52 -4.26 -2.03
CA VAL A 459 -7.56 -4.59 -3.07
C VAL A 459 -6.17 -4.49 -2.49
N GLU A 460 -5.28 -5.37 -2.93
CA GLU A 460 -3.87 -5.15 -2.64
C GLU A 460 -2.96 -5.40 -3.85
N SER A 461 -2.21 -4.36 -4.20
CA SER A 461 -1.19 -4.43 -5.25
C SER A 461 0.04 -5.12 -4.68
N THR A 462 0.55 -6.14 -5.34
CA THR A 462 1.70 -6.89 -4.77
C THR A 462 2.96 -6.65 -5.59
N LEU A 463 3.98 -6.07 -4.99
CA LEU A 463 5.27 -5.91 -5.68
C LEU A 463 6.28 -6.89 -5.11
N TRP A 464 6.28 -8.09 -5.69
CA TRP A 464 7.30 -9.12 -5.46
C TRP A 464 8.60 -8.64 -6.06
N THR A 465 9.74 -9.09 -5.53
CA THR A 465 11.02 -8.46 -5.93
C THR A 465 12.09 -9.44 -6.44
N GLU A 466 11.67 -10.58 -6.99
CA GLU A 466 12.62 -11.50 -7.64
C GLU A 466 13.60 -10.79 -8.58
N THR A 467 13.09 -9.83 -9.35
CA THR A 467 13.89 -9.19 -10.40
C THR A 467 14.12 -7.70 -10.18
N PHE A 468 13.76 -7.19 -9.01
CA PHE A 468 13.93 -5.77 -8.70
C PHE A 468 15.00 -5.59 -7.62
N VAL A 469 16.05 -4.85 -7.98
CA VAL A 469 17.24 -4.72 -7.14
C VAL A 469 17.34 -3.29 -6.59
N THR A 470 16.98 -2.31 -7.40
CA THR A 470 17.17 -0.89 -7.03
C THR A 470 15.85 -0.14 -6.82
N GLN A 471 15.95 1.02 -6.19
CA GLN A 471 14.79 1.89 -6.06
C GLN A 471 14.23 2.23 -7.44
N ASP A 472 15.10 2.52 -8.42
CA ASP A 472 14.62 2.81 -9.78
C ASP A 472 13.74 1.67 -10.33
N HIS A 473 14.09 0.41 -10.04
CA HIS A 473 13.25 -0.73 -10.49
C HIS A 473 11.86 -0.69 -9.87
N LEU A 474 11.81 -0.42 -8.56
CA LEU A 474 10.53 -0.27 -7.87
C LEU A 474 9.69 0.83 -8.51
N ASP A 475 10.29 2.01 -8.70
CA ASP A 475 9.58 3.15 -9.30
C ASP A 475 9.02 2.81 -10.66
N TYR A 476 9.85 2.17 -11.48
CA TYR A 476 9.49 1.82 -12.85
C TYR A 476 8.24 0.92 -12.91
N MET A 477 8.18 -0.05 -11.99
CA MET A 477 7.10 -1.03 -11.97
C MET A 477 5.83 -0.52 -11.26
N LEU A 478 6.01 0.27 -10.20
CA LEU A 478 4.88 0.81 -9.45
C LEU A 478 4.23 2.00 -10.13
N TYR A 479 4.99 2.71 -10.95
CA TYR A 479 4.48 3.94 -11.55
C TYR A 479 4.62 3.90 -13.08
N PRO A 480 3.49 3.97 -13.81
CA PRO A 480 2.15 4.31 -13.28
C PRO A 480 1.18 3.19 -12.86
N LYS A 481 1.62 1.93 -12.81
CA LYS A 481 0.70 0.80 -12.50
C LYS A 481 -0.11 0.94 -11.23
N LEU A 482 0.55 1.39 -10.17
CA LEU A 482 -0.12 1.52 -8.89
C LEU A 482 -1.23 2.56 -8.94
N LEU A 483 -1.05 3.59 -9.78
CA LEU A 483 -2.07 4.63 -9.92
C LEU A 483 -3.38 4.01 -10.41
N SER A 484 -3.26 3.07 -11.35
CA SER A 484 -4.43 2.34 -11.86
C SER A 484 -5.10 1.56 -10.72
N ASN A 485 -4.30 0.77 -10.00
CA ASN A 485 -4.83 -0.05 -8.91
C ASN A 485 -5.45 0.83 -7.83
N ALA A 486 -4.81 1.97 -7.52
CA ALA A 486 -5.31 2.89 -6.49
C ALA A 486 -6.70 3.42 -6.84
N GLU A 487 -6.92 3.71 -8.12
CA GLU A 487 -8.23 4.18 -8.58
C GLU A 487 -9.28 3.07 -8.54
N VAL A 488 -8.89 1.85 -8.91
CA VAL A 488 -9.78 0.68 -8.77
C VAL A 488 -10.23 0.49 -7.30
N GLY A 489 -9.35 0.77 -6.35
CA GLY A 489 -9.71 0.65 -4.93
C GLY A 489 -10.59 1.77 -4.39
N TRP A 490 -10.38 2.98 -4.90
CA TRP A 490 -11.03 4.19 -4.40
C TRP A 490 -12.32 4.56 -5.14
N THR A 491 -12.22 4.66 -6.46
CA THR A 491 -13.31 5.20 -7.29
C THR A 491 -14.33 4.12 -7.57
N ALA A 492 -15.62 4.47 -7.45
CA ALA A 492 -16.69 3.50 -7.72
C ALA A 492 -16.62 3.03 -9.18
N ARG A 493 -16.99 1.76 -9.41
CA ARG A 493 -16.83 1.16 -10.75
C ARG A 493 -17.57 1.95 -11.84
N GLY A 494 -18.76 2.45 -11.49
CA GLY A 494 -19.59 3.22 -12.43
C GLY A 494 -18.97 4.52 -12.89
N ASP A 495 -17.98 5.01 -12.14
CA ASP A 495 -17.26 6.25 -12.45
C ASP A 495 -15.87 6.00 -13.06
N ARG A 496 -15.50 4.74 -13.27
CA ARG A 496 -14.20 4.40 -13.85
C ARG A 496 -14.31 4.15 -15.35
N ASN A 497 -13.35 4.66 -16.09
CA ASN A 497 -13.40 4.59 -17.56
C ASN A 497 -11.95 4.79 -18.02
N TRP A 498 -11.41 3.82 -18.75
CA TRP A 498 -10.01 3.87 -19.17
C TRP A 498 -9.67 5.13 -20.00
N ASP A 499 -10.55 5.48 -20.93
CA ASP A 499 -10.31 6.64 -21.79
C ASP A 499 -10.17 7.92 -20.95
N ASP A 500 -11.01 8.03 -19.92
CA ASP A 500 -10.93 9.14 -18.97
C ASP A 500 -9.62 9.10 -18.18
N PHE A 501 -9.35 7.95 -17.53
CA PHE A 501 -8.15 7.79 -16.72
C PHE A 501 -6.87 8.04 -17.52
N LYS A 502 -6.81 7.48 -18.72
CA LYS A 502 -5.64 7.64 -19.58
C LYS A 502 -5.32 9.12 -19.80
N GLU A 503 -6.33 9.91 -20.16
CA GLU A 503 -6.11 11.33 -20.41
C GLU A 503 -5.70 12.05 -19.11
N ARG A 504 -6.34 11.71 -17.99
CA ARG A 504 -5.97 12.26 -16.69
C ARG A 504 -4.53 11.89 -16.32
N LEU A 505 -4.13 10.68 -16.68
CA LEU A 505 -2.77 10.22 -16.38
C LEU A 505 -1.72 11.00 -17.16
N ILE A 506 -2.00 11.26 -18.44
CA ILE A 506 -1.14 12.12 -19.28
C ILE A 506 -0.94 13.47 -18.57
N GLU A 507 -2.06 14.06 -18.14
CA GLU A 507 -2.03 15.34 -17.41
C GLU A 507 -1.15 15.27 -16.16
N HIS A 508 -1.19 14.11 -15.49
CA HIS A 508 -0.55 13.92 -14.21
C HIS A 508 0.96 13.72 -14.36
N THR A 509 1.38 13.32 -15.57
CA THR A 509 2.78 12.95 -15.80
C THR A 509 3.83 13.91 -15.21
N PRO A 510 3.71 15.23 -15.46
CA PRO A 510 4.70 16.15 -14.87
C PRO A 510 4.80 16.03 -13.35
N ARG A 511 3.72 15.64 -12.70
CA ARG A 511 3.74 15.50 -11.25
C ARG A 511 4.59 14.30 -10.83
N LEU A 512 4.50 13.21 -11.58
CA LEU A 512 5.39 12.07 -11.33
C LEU A 512 6.87 12.47 -11.46
N GLN A 513 7.17 13.21 -12.52
CA GLN A 513 8.52 13.74 -12.78
C GLN A 513 8.98 14.57 -11.59
N ASN A 514 8.09 15.47 -11.15
CA ASN A 514 8.41 16.44 -10.08
C ASN A 514 8.71 15.76 -8.76
N LYS A 515 8.05 14.62 -8.53
CA LYS A 515 8.29 13.82 -7.31
C LYS A 515 9.57 12.99 -7.37
N GLY A 516 10.25 12.99 -8.51
CA GLY A 516 11.48 12.21 -8.66
C GLY A 516 11.23 10.73 -8.87
N ILE A 517 10.03 10.39 -9.32
CA ILE A 517 9.66 9.00 -9.57
C ILE A 517 10.19 8.57 -10.93
N LYS A 518 10.92 7.46 -10.95
CA LYS A 518 11.51 6.98 -12.19
C LYS A 518 10.53 6.00 -12.86
N PHE A 519 9.37 6.55 -13.24
CA PHE A 519 8.24 5.79 -13.79
C PHE A 519 8.52 5.28 -15.20
N PHE A 520 7.74 4.30 -15.63
CA PHE A 520 7.82 3.85 -17.03
C PHE A 520 6.86 4.69 -17.87
N ALA A 521 7.35 5.25 -18.98
CA ALA A 521 6.48 6.00 -19.88
C ALA A 521 5.75 5.00 -20.78
N ASP A 522 4.62 4.50 -20.27
CA ASP A 522 3.92 3.40 -20.91
C ASP A 522 3.33 3.87 -22.25
N PRO A 523 3.71 3.18 -23.36
CA PRO A 523 3.16 3.54 -24.69
C PRO A 523 1.66 3.39 -24.88
N ILE A 524 0.96 2.77 -23.93
CA ILE A 524 -0.51 2.68 -24.01
C ILE A 524 -1.20 3.93 -23.44
N VAL A 525 -0.40 4.81 -22.84
CA VAL A 525 -0.90 6.08 -22.29
C VAL A 525 -0.53 7.24 -23.23
#